data_7Y87
#
_entry.id   7Y87
#
_cell.length_a   100.284
_cell.length_b   112.628
_cell.length_c   137.382
_cell.angle_alpha   90.000
_cell.angle_beta   90.000
_cell.angle_gamma   90.000
#
_symmetry.space_group_name_H-M   'F 2 2 2'
#
loop_
_entity.id
_entity.type
_entity.pdbx_description
1 polymer 'Putative glutamate dehydrogenase/leucine dehydrogenase'
2 water water
#
_entity_poly.entity_id   1
_entity_poly.type   'polypeptide(L)'
_entity_poly.pdbx_seq_one_letter_code
;MGMPVPGTLSVEIPPRYCPLPTARHPDETVLARRTADWIDGFDLELTPQQRARMRGNDAPGFYGRIMPHSPTDRLQLAVD
WCTVMFHFDDVHCDEGPATGRAARFADLATRIVRVLEAPDARLEGPGDTMLAPVRDLALRARRWATPAQMRRCAEAHRAW
FLAVAWELGHRAARSTPALNDYAHMRQHTAAGAATLAWAEIVDGAEIPDRELSSPEVRALTELAFTTAAFDDDLFSYGKE
LWVARAEGTAPSGLGLVEILRRENRCGRPEALRAAVCLCNRLTHRFIALRERVLPDASAPLRAYLDHLCHLLPGNLEWGL
TADRYRNPDGRTPGAVTTTASRDTDPPADTSPPAIPSIAWWWDPLGGRPATEHHHHHH
;
_entity_poly.pdbx_strand_id   A
#
# COMPACT_ATOMS: atom_id res chain seq x y z
N GLU A 12 22.00 -5.27 2.99
CA GLU A 12 21.25 -4.57 1.97
C GLU A 12 20.41 -3.38 2.53
N ILE A 13 19.47 -3.55 3.44
CA ILE A 13 18.66 -2.44 3.94
C ILE A 13 19.20 -2.05 5.30
N PRO A 14 19.74 -0.83 5.47
CA PRO A 14 20.30 -0.41 6.78
C PRO A 14 19.24 -0.47 7.88
N PRO A 15 19.66 -0.55 9.13
CA PRO A 15 18.74 -0.73 10.26
C PRO A 15 17.49 0.15 10.42
N ARG A 16 16.34 -0.46 10.25
CA ARG A 16 15.08 0.26 10.40
C ARG A 16 14.71 0.31 11.88
N TYR A 17 14.40 1.51 12.36
CA TYR A 17 13.81 1.67 13.68
C TYR A 17 12.31 1.41 13.58
N CYS A 18 11.83 0.33 14.23
CA CYS A 18 10.41 0.05 14.30
C CYS A 18 10.09 -0.78 15.54
N PRO A 19 10.04 -0.15 16.72
CA PRO A 19 9.80 -0.89 17.97
C PRO A 19 8.34 -1.24 18.21
N LEU A 20 7.73 -1.92 17.23
CA LEU A 20 6.32 -2.24 17.29
C LEU A 20 6.15 -3.74 17.04
N PRO A 21 5.34 -4.42 17.83
CA PRO A 21 5.21 -5.87 17.67
C PRO A 21 4.46 -6.20 16.39
N THR A 22 4.81 -7.33 15.79
CA THR A 22 4.15 -7.79 14.57
C THR A 22 3.58 -9.18 14.82
N ALA A 23 2.41 -9.46 14.28
CA ALA A 23 1.78 -10.75 14.49
C ALA A 23 1.07 -11.18 13.22
N ARG A 24 0.96 -12.49 13.05
CA ARG A 24 0.30 -13.10 11.91
C ARG A 24 -1.10 -13.56 12.29
N HIS A 25 -2.01 -13.46 11.35
CA HIS A 25 -3.34 -14.01 11.58
C HIS A 25 -3.28 -15.54 11.51
N PRO A 26 -3.98 -16.25 12.39
CA PRO A 26 -3.84 -17.72 12.44
C PRO A 26 -4.51 -18.45 11.28
N ASP A 27 -5.36 -17.80 10.48
CA ASP A 27 -6.12 -18.48 9.44
C ASP A 27 -5.67 -18.07 8.03
N GLU A 28 -4.39 -17.71 7.88
CA GLU A 28 -3.87 -17.37 6.55
C GLU A 28 -4.24 -18.42 5.52
N THR A 29 -4.09 -19.71 5.86
CA THR A 29 -4.36 -20.75 4.87
C THR A 29 -5.82 -20.72 4.42
N VAL A 30 -6.75 -20.59 5.37
CA VAL A 30 -8.17 -20.48 5.01
C VAL A 30 -8.39 -19.27 4.11
N LEU A 31 -7.81 -18.12 4.47
CA LEU A 31 -7.98 -16.90 3.67
C LEU A 31 -7.40 -17.08 2.28
N ALA A 32 -6.20 -17.65 2.18
CA ALA A 32 -5.59 -17.91 0.88
C ALA A 32 -6.50 -18.77 0.00
N ARG A 33 -7.10 -19.82 0.58
CA ARG A 33 -7.89 -20.75 -0.19
C ARG A 33 -9.16 -20.07 -0.71
N ARG A 34 -9.86 -19.34 0.16
CA ARG A 34 -11.09 -18.67 -0.26
C ARG A 34 -10.81 -17.55 -1.26
N THR A 35 -9.73 -16.80 -1.01
CA THR A 35 -9.33 -15.72 -1.90
C THR A 35 -9.12 -16.26 -3.30
N ALA A 36 -8.29 -17.29 -3.42
CA ALA A 36 -8.03 -17.90 -4.72
C ALA A 36 -9.32 -18.38 -5.35
N ASP A 37 -10.17 -19.06 -4.56
CA ASP A 37 -11.46 -19.52 -5.09
C ASP A 37 -12.34 -18.36 -5.50
N TRP A 38 -12.33 -17.28 -4.72
CA TRP A 38 -13.24 -16.17 -4.99
C TRP A 38 -12.84 -15.47 -6.28
N ILE A 39 -11.56 -15.16 -6.46
CA ILE A 39 -11.15 -14.47 -7.68
C ILE A 39 -11.32 -15.37 -8.91
N ASP A 40 -11.34 -16.69 -8.72
CA ASP A 40 -11.48 -17.64 -9.82
C ASP A 40 -12.90 -17.70 -10.37
N GLY A 41 -13.90 -17.22 -9.64
CA GLY A 41 -15.28 -17.33 -10.03
C GLY A 41 -15.79 -16.20 -10.90
N PHE A 42 -14.91 -15.31 -11.35
CA PHE A 42 -15.28 -14.25 -12.28
C PHE A 42 -14.70 -14.57 -13.64
N ASP A 43 -14.47 -13.54 -14.46
CA ASP A 43 -13.96 -13.78 -15.81
C ASP A 43 -12.59 -13.20 -16.04
N LEU A 44 -11.65 -13.44 -15.13
CA LEU A 44 -10.31 -12.92 -15.33
C LEU A 44 -9.47 -13.80 -16.24
N GLU A 45 -9.91 -15.03 -16.54
CA GLU A 45 -9.13 -15.99 -17.30
C GLU A 45 -7.69 -16.03 -16.80
N LEU A 46 -7.50 -16.52 -15.58
CA LEU A 46 -6.18 -16.47 -14.95
C LEU A 46 -5.34 -17.66 -15.39
N THR A 47 -4.16 -17.37 -15.95
CA THR A 47 -3.21 -18.43 -16.26
C THR A 47 -2.58 -18.96 -14.98
N PRO A 48 -2.05 -20.19 -15.02
CA PRO A 48 -1.34 -20.71 -13.84
C PRO A 48 -0.17 -19.85 -13.41
N GLN A 49 0.43 -19.15 -14.37
CA GLN A 49 1.54 -18.25 -14.05
C GLN A 49 0.97 -17.11 -13.22
N GLN A 50 -0.19 -16.61 -13.63
CA GLN A 50 -0.86 -15.54 -12.90
C GLN A 50 -1.30 -16.00 -11.52
N ARG A 51 -1.82 -17.22 -11.41
CA ARG A 51 -2.24 -17.72 -10.11
C ARG A 51 -1.04 -17.90 -9.19
N ALA A 52 0.14 -18.16 -9.76
CA ALA A 52 1.35 -18.33 -8.96
C ALA A 52 1.83 -16.99 -8.39
N ARG A 53 1.83 -15.94 -9.21
CA ARG A 53 2.25 -14.62 -8.75
C ARG A 53 1.34 -14.14 -7.64
N MET A 54 0.03 -14.40 -7.76
CA MET A 54 -0.95 -14.02 -6.74
C MET A 54 -0.62 -14.71 -5.42
N ARG A 55 -0.31 -16.01 -5.49
CA ARG A 55 0.24 -16.67 -4.32
C ARG A 55 1.45 -15.92 -3.80
N GLY A 56 2.36 -15.53 -4.71
CA GLY A 56 3.52 -14.77 -4.33
C GLY A 56 3.22 -13.41 -3.74
N ASN A 57 2.01 -12.90 -3.97
CA ASN A 57 1.62 -11.60 -3.41
C ASN A 57 1.23 -11.74 -1.94
N ASP A 58 0.88 -12.96 -1.55
CA ASP A 58 0.49 -13.29 -0.18
C ASP A 58 -0.43 -12.21 0.43
N ALA A 59 -1.56 -12.00 -0.23
CA ALA A 59 -2.60 -11.13 0.34
C ALA A 59 -3.04 -11.57 1.73
N PRO A 60 -3.31 -12.85 2.03
CA PRO A 60 -3.69 -13.19 3.42
C PRO A 60 -2.60 -12.82 4.40
N GLY A 61 -1.33 -13.08 4.05
CA GLY A 61 -0.25 -12.73 4.95
C GLY A 61 -0.15 -11.24 5.19
N PHE A 62 -0.48 -10.42 4.18
CA PHE A 62 -0.36 -8.98 4.32
C PHE A 62 -1.45 -8.43 5.23
N TYR A 63 -2.70 -8.68 4.91
CA TYR A 63 -3.76 -8.15 5.72
C TYR A 63 -3.90 -8.84 7.06
N GLY A 64 -3.60 -10.12 7.10
CA GLY A 64 -3.62 -10.80 8.37
C GLY A 64 -2.64 -10.23 9.37
N ARG A 65 -1.51 -9.70 8.89
CA ARG A 65 -0.60 -8.98 9.78
C ARG A 65 -1.16 -7.62 10.20
N ILE A 66 -1.95 -6.98 9.35
CA ILE A 66 -2.57 -5.73 9.77
C ILE A 66 -3.62 -6.00 10.84
N MET A 67 -4.32 -7.13 10.74
CA MET A 67 -5.46 -7.41 11.60
C MET A 67 -5.40 -8.84 12.13
N PRO A 68 -4.37 -9.16 12.93
CA PRO A 68 -4.16 -10.57 13.33
C PRO A 68 -5.23 -11.13 14.25
N HIS A 69 -6.04 -10.30 14.89
CA HIS A 69 -7.09 -10.77 15.77
C HIS A 69 -8.48 -10.69 15.16
N SER A 70 -8.60 -10.22 13.92
CA SER A 70 -9.91 -9.98 13.33
C SER A 70 -10.60 -11.31 13.02
N PRO A 71 -11.93 -11.34 13.00
CA PRO A 71 -12.61 -12.59 12.63
C PRO A 71 -12.37 -12.91 11.16
N THR A 72 -12.19 -14.20 10.89
CA THR A 72 -11.74 -14.64 9.57
C THR A 72 -12.73 -14.29 8.48
N ASP A 73 -14.02 -14.50 8.70
CA ASP A 73 -14.98 -14.23 7.64
C ASP A 73 -15.08 -12.75 7.32
N ARG A 74 -14.71 -11.87 8.24
CA ARG A 74 -14.76 -10.44 7.92
C ARG A 74 -13.45 -9.96 7.30
N LEU A 75 -12.31 -10.46 7.79
CA LEU A 75 -11.03 -10.16 7.17
C LEU A 75 -11.02 -10.56 5.70
N GLN A 76 -11.75 -11.62 5.35
CA GLN A 76 -11.84 -12.05 3.96
C GLN A 76 -12.18 -10.90 3.02
N LEU A 77 -12.93 -9.92 3.51
CA LEU A 77 -13.31 -8.77 2.69
C LEU A 77 -12.08 -7.94 2.26
N ALA A 78 -11.23 -7.60 3.22
CA ALA A 78 -10.03 -6.82 2.97
C ALA A 78 -9.03 -7.62 2.15
N VAL A 79 -8.89 -8.89 2.49
CA VAL A 79 -7.97 -9.78 1.79
C VAL A 79 -8.38 -9.91 0.32
N ASP A 80 -9.67 -10.10 0.09
CA ASP A 80 -10.19 -10.24 -1.27
C ASP A 80 -9.84 -9.00 -2.09
N TRP A 81 -9.96 -7.83 -1.46
CA TRP A 81 -9.65 -6.57 -2.12
C TRP A 81 -8.17 -6.51 -2.51
N CYS A 82 -7.28 -6.88 -1.58
CA CYS A 82 -5.87 -6.95 -1.94
C CYS A 82 -5.66 -7.88 -3.13
N THR A 83 -6.43 -8.96 -3.17
CA THR A 83 -6.35 -9.94 -4.24
C THR A 83 -6.55 -9.31 -5.62
N VAL A 84 -7.69 -8.66 -5.79
CA VAL A 84 -8.04 -8.03 -7.06
C VAL A 84 -7.23 -6.77 -7.38
N MET A 85 -6.70 -6.11 -6.35
CA MET A 85 -5.93 -4.90 -6.58
C MET A 85 -4.46 -5.19 -6.84
N PHE A 86 -3.95 -6.35 -6.39
CA PHE A 86 -2.69 -6.84 -6.94
C PHE A 86 -2.84 -7.17 -8.43
N HIS A 87 -3.93 -7.83 -8.80
CA HIS A 87 -4.18 -8.09 -10.22
C HIS A 87 -4.36 -6.78 -11.00
N PHE A 88 -5.11 -5.82 -10.44
CA PHE A 88 -5.22 -4.51 -11.10
C PHE A 88 -3.85 -3.87 -11.23
N ASP A 89 -3.09 -3.87 -10.13
CA ASP A 89 -1.78 -3.23 -10.15
C ASP A 89 -0.91 -3.79 -11.27
N ASP A 90 -0.95 -5.11 -11.48
CA ASP A 90 0.01 -5.76 -12.38
C ASP A 90 -0.48 -5.87 -13.82
N VAL A 91 -1.79 -5.83 -14.07
CA VAL A 91 -2.34 -5.96 -15.41
C VAL A 91 -2.84 -4.63 -15.98
N HIS A 92 -3.27 -3.68 -15.14
CA HIS A 92 -3.89 -2.46 -15.61
C HIS A 92 -3.14 -1.18 -15.25
N CYS A 93 -2.06 -1.28 -14.49
CA CYS A 93 -1.24 -0.11 -14.20
C CYS A 93 0.03 -0.19 -15.02
N ASP A 94 0.34 0.88 -15.74
CA ASP A 94 1.48 0.96 -16.66
C ASP A 94 1.57 -0.25 -17.56
N GLU A 95 0.50 -0.57 -18.24
CA GLU A 95 0.48 -1.65 -19.17
C GLU A 95 -0.47 -1.32 -20.30
N GLY A 96 -0.74 -2.29 -21.17
CA GLY A 96 -1.48 -2.07 -22.39
C GLY A 96 -0.78 -1.07 -23.30
N PRO A 97 -1.37 -0.79 -24.48
CA PRO A 97 -0.71 0.08 -25.48
C PRO A 97 -0.23 1.39 -24.88
N ALA A 98 0.96 1.80 -25.29
CA ALA A 98 1.44 3.10 -24.85
C ALA A 98 0.57 4.23 -25.41
N THR A 99 -0.01 4.04 -26.59
CA THR A 99 -0.92 5.04 -27.16
C THR A 99 -2.24 5.00 -26.41
N GLY A 100 -2.64 6.15 -25.88
CA GLY A 100 -3.86 6.21 -25.08
C GLY A 100 -3.77 5.52 -23.73
N ARG A 101 -2.58 5.43 -23.14
CA ARG A 101 -2.43 4.73 -21.87
C ARG A 101 -3.07 5.50 -20.72
N ALA A 102 -2.88 6.81 -20.67
CA ALA A 102 -3.47 7.57 -19.58
C ALA A 102 -4.99 7.57 -19.67
N ALA A 103 -5.53 7.68 -20.89
CA ALA A 103 -6.97 7.68 -21.07
C ALA A 103 -7.59 6.35 -20.62
N ARG A 104 -6.92 5.24 -20.92
CA ARG A 104 -7.44 3.92 -20.55
C ARG A 104 -7.39 3.72 -19.05
N PHE A 105 -6.33 4.21 -18.38
CA PHE A 105 -6.29 4.12 -16.93
C PHE A 105 -7.44 4.93 -16.31
N ALA A 106 -7.54 6.22 -16.67
CA ALA A 106 -8.52 7.05 -15.99
C ALA A 106 -9.93 6.53 -16.22
N ASP A 107 -10.17 6.00 -17.41
CA ASP A 107 -11.47 5.44 -17.75
C ASP A 107 -11.80 4.25 -16.84
N LEU A 108 -10.84 3.35 -16.66
CA LEU A 108 -11.03 2.17 -15.81
C LEU A 108 -11.08 2.56 -14.34
N ALA A 109 -10.28 3.55 -13.94
CA ALA A 109 -10.27 3.99 -12.55
C ALA A 109 -11.62 4.57 -12.15
N THR A 110 -12.15 5.49 -12.95
CA THR A 110 -13.42 6.08 -12.57
C THR A 110 -14.55 5.04 -12.57
N ARG A 111 -14.44 3.97 -13.34
CA ARG A 111 -15.45 2.94 -13.35
C ARG A 111 -15.44 2.19 -12.02
N ILE A 112 -14.26 1.96 -11.54
CA ILE A 112 -14.08 1.21 -10.32
C ILE A 112 -14.63 1.99 -9.14
N VAL A 113 -14.31 3.29 -9.08
CA VAL A 113 -14.85 4.14 -8.03
C VAL A 113 -16.37 4.12 -8.08
N ARG A 114 -16.92 4.34 -9.27
CA ARG A 114 -18.37 4.36 -9.41
C ARG A 114 -19.02 3.07 -8.93
N VAL A 115 -18.41 1.92 -9.27
CA VAL A 115 -19.01 0.65 -8.84
C VAL A 115 -18.99 0.54 -7.31
N LEU A 116 -17.94 1.07 -6.66
CA LEU A 116 -17.94 1.08 -5.21
C LEU A 116 -19.07 1.91 -4.64
N GLU A 117 -19.48 2.96 -5.37
CA GLU A 117 -20.59 3.83 -4.99
C GLU A 117 -21.95 3.32 -5.46
N ALA A 118 -21.98 2.50 -6.50
CA ALA A 118 -23.23 2.10 -7.15
C ALA A 118 -22.98 0.74 -7.79
N PRO A 119 -23.13 -0.33 -7.02
CA PRO A 119 -22.75 -1.66 -7.52
C PRO A 119 -23.45 -2.08 -8.80
N ASP A 120 -24.63 -1.55 -9.10
CA ASP A 120 -25.34 -1.95 -10.31
C ASP A 120 -25.30 -0.88 -11.40
N ALA A 121 -24.21 -0.10 -11.43
CA ALA A 121 -24.01 0.92 -12.46
C ALA A 121 -23.80 0.33 -13.84
N ARG A 122 -23.40 -0.94 -13.90
CA ARG A 122 -23.15 -1.61 -15.17
C ARG A 122 -22.25 -0.82 -16.11
N LEU A 123 -21.02 -0.50 -15.69
CA LEU A 123 -20.11 0.23 -16.55
C LEU A 123 -19.18 -0.68 -17.32
N GLU A 124 -19.54 -1.96 -17.49
CA GLU A 124 -18.66 -2.88 -18.19
C GLU A 124 -18.47 -2.44 -19.64
N GLY A 125 -17.22 -2.39 -20.06
CA GLY A 125 -16.88 -2.12 -21.44
C GLY A 125 -16.63 -3.40 -22.19
N PRO A 126 -16.04 -3.29 -23.38
CA PRO A 126 -15.67 -4.49 -24.14
C PRO A 126 -14.47 -5.19 -23.52
N GLY A 127 -14.69 -6.41 -23.02
CA GLY A 127 -13.59 -7.18 -22.48
C GLY A 127 -13.22 -6.82 -21.08
N ASP A 128 -14.18 -6.35 -20.29
CA ASP A 128 -13.92 -5.91 -18.93
C ASP A 128 -13.86 -7.09 -17.97
N THR A 129 -12.90 -7.07 -17.05
CA THR A 129 -12.75 -8.16 -16.09
C THR A 129 -12.24 -7.65 -14.77
N MET A 130 -12.53 -6.39 -14.47
CA MET A 130 -12.09 -5.78 -13.23
C MET A 130 -13.25 -5.08 -12.52
N LEU A 131 -14.47 -5.31 -13.00
CA LEU A 131 -15.62 -4.66 -12.35
C LEU A 131 -16.51 -5.66 -11.63
N ALA A 132 -16.65 -6.88 -12.16
CA ALA A 132 -17.45 -7.89 -11.48
C ALA A 132 -16.91 -8.18 -10.08
N PRO A 133 -15.61 -8.43 -9.87
CA PRO A 133 -15.12 -8.62 -8.49
C PRO A 133 -15.21 -7.35 -7.66
N VAL A 134 -14.99 -6.17 -8.25
CA VAL A 134 -15.15 -4.93 -7.47
C VAL A 134 -16.59 -4.78 -7.02
N ARG A 135 -17.54 -5.09 -7.92
CA ARG A 135 -18.95 -5.09 -7.55
C ARG A 135 -19.21 -6.03 -6.39
N ASP A 136 -18.69 -7.26 -6.47
CA ASP A 136 -18.86 -8.22 -5.38
C ASP A 136 -18.35 -7.65 -4.07
N LEU A 137 -17.17 -7.01 -4.09
CA LEU A 137 -16.65 -6.39 -2.88
C LEU A 137 -17.59 -5.30 -2.38
N ALA A 138 -18.05 -4.44 -3.30
CA ALA A 138 -18.97 -3.38 -2.88
C ALA A 138 -20.22 -3.97 -2.24
N LEU A 139 -20.81 -4.98 -2.89
CA LEU A 139 -22.04 -5.59 -2.36
C LEU A 139 -21.81 -6.17 -0.97
N ARG A 140 -20.67 -6.84 -0.78
CA ARG A 140 -20.33 -7.45 0.49
C ARG A 140 -19.99 -6.40 1.55
N ALA A 141 -19.48 -5.25 1.10
CA ALA A 141 -19.11 -4.18 2.01
C ALA A 141 -20.34 -3.38 2.44
N ARG A 142 -21.42 -3.51 1.69
CA ARG A 142 -22.66 -2.79 2.00
C ARG A 142 -23.52 -3.59 2.97
N ARG A 143 -23.02 -4.75 3.40
CA ARG A 143 -23.74 -5.60 4.33
C ARG A 143 -23.22 -5.44 5.76
N TRP A 144 -22.09 -4.74 5.89
CA TRP A 144 -21.49 -4.52 7.19
C TRP A 144 -21.22 -3.05 7.48
N ALA A 145 -21.11 -2.23 6.45
CA ALA A 145 -20.52 -0.91 6.59
C ALA A 145 -21.57 0.17 6.73
N THR A 146 -21.19 1.27 7.38
CA THR A 146 -22.07 2.42 7.43
C THR A 146 -21.91 3.22 6.15
N PRO A 147 -22.89 4.07 5.83
CA PRO A 147 -22.74 4.93 4.64
C PRO A 147 -21.46 5.76 4.62
N ALA A 148 -21.08 6.30 5.76
CA ALA A 148 -19.87 7.11 5.87
C ALA A 148 -18.65 6.26 5.55
N GLN A 149 -18.73 4.97 5.87
CA GLN A 149 -17.63 4.05 5.60
C GLN A 149 -17.45 3.84 4.11
N MET A 150 -18.55 3.53 3.42
CA MET A 150 -18.52 3.33 1.99
C MET A 150 -17.94 4.56 1.30
N ARG A 151 -18.40 5.73 1.73
CA ARG A 151 -17.92 6.99 1.19
C ARG A 151 -16.40 7.10 1.37
N ARG A 152 -15.89 6.53 2.45
CA ARG A 152 -14.46 6.60 2.69
C ARG A 152 -13.68 5.70 1.73
N CYS A 153 -14.26 4.55 1.37
CA CYS A 153 -13.61 3.66 0.41
C CYS A 153 -13.55 4.30 -0.97
N ALA A 154 -14.67 4.86 -1.44
CA ALA A 154 -14.67 5.51 -2.74
C ALA A 154 -13.65 6.64 -2.81
N GLU A 155 -13.67 7.53 -1.82
CA GLU A 155 -12.78 8.67 -1.92
C GLU A 155 -11.33 8.26 -1.70
N ALA A 156 -11.09 7.21 -0.93
CA ALA A 156 -9.72 6.68 -0.84
C ALA A 156 -9.27 6.06 -2.14
N HIS A 157 -10.20 5.50 -2.91
CA HIS A 157 -9.84 5.01 -4.23
C HIS A 157 -9.53 6.17 -5.18
N ARG A 158 -10.31 7.26 -5.10
CA ARG A 158 -9.99 8.45 -5.89
C ARG A 158 -8.59 8.96 -5.59
N ALA A 159 -8.20 8.99 -4.31
CA ALA A 159 -6.89 9.53 -3.95
C ALA A 159 -5.78 8.68 -4.53
N TRP A 160 -5.90 7.36 -4.37
CA TRP A 160 -4.98 6.43 -5.02
C TRP A 160 -4.91 6.67 -6.53
N PHE A 161 -6.05 6.67 -7.23
CA PHE A 161 -6.01 6.69 -8.69
C PHE A 161 -5.55 8.04 -9.23
N LEU A 162 -5.86 9.15 -8.55
CA LEU A 162 -5.33 10.43 -9.01
C LEU A 162 -3.82 10.44 -8.89
N ALA A 163 -3.29 9.82 -7.84
CA ALA A 163 -1.85 9.73 -7.67
C ALA A 163 -1.22 8.80 -8.69
N VAL A 164 -1.95 7.78 -9.14
CA VAL A 164 -1.40 6.89 -10.17
C VAL A 164 -1.35 7.60 -11.51
N ALA A 165 -2.37 8.39 -11.84
CA ALA A 165 -2.30 9.23 -13.02
C ALA A 165 -1.09 10.14 -12.97
N TRP A 166 -0.83 10.72 -11.79
CA TRP A 166 0.41 11.46 -11.57
C TRP A 166 1.64 10.60 -11.85
N GLU A 167 1.59 9.33 -11.42
CA GLU A 167 2.75 8.44 -11.55
C GLU A 167 3.02 8.06 -12.99
N LEU A 168 1.96 7.76 -13.77
CA LEU A 168 2.10 7.39 -15.16
C LEU A 168 2.75 8.51 -15.98
N GLY A 169 2.42 9.76 -15.67
CA GLY A 169 3.13 10.87 -16.26
C GLY A 169 4.63 10.75 -16.13
N HIS A 170 5.10 10.46 -14.90
CA HIS A 170 6.54 10.33 -14.69
C HIS A 170 7.10 9.10 -15.40
N ARG A 171 6.38 7.98 -15.37
CA ARG A 171 6.84 6.78 -16.06
C ARG A 171 6.90 6.98 -17.58
N ALA A 172 5.93 7.70 -18.15
CA ALA A 172 5.97 7.96 -19.58
C ALA A 172 7.12 8.89 -19.94
N ALA A 173 7.55 9.74 -19.01
CA ALA A 173 8.67 10.64 -19.24
C ALA A 173 10.01 10.08 -18.75
N ARG A 174 9.99 9.00 -17.97
CA ARG A 174 11.14 8.57 -17.15
C ARG A 174 11.75 9.71 -16.35
N SER A 175 10.91 10.63 -15.90
CA SER A 175 11.38 11.67 -15.03
C SER A 175 11.56 11.11 -13.62
N THR A 176 12.24 11.87 -12.78
CA THR A 176 12.38 11.52 -11.38
C THR A 176 11.75 12.63 -10.55
N PRO A 177 10.70 12.37 -9.78
CA PRO A 177 10.07 13.43 -9.00
C PRO A 177 11.05 14.00 -8.00
N ALA A 178 10.94 15.31 -7.79
CA ALA A 178 11.66 15.95 -6.71
C ALA A 178 11.19 15.40 -5.37
N LEU A 179 12.09 15.33 -4.40
CA LEU A 179 11.77 14.79 -3.08
C LEU A 179 10.51 15.38 -2.44
N ASN A 180 10.39 16.71 -2.49
CA ASN A 180 9.25 17.41 -1.91
C ASN A 180 7.92 16.89 -2.46
N ASP A 181 7.85 16.68 -3.77
CA ASP A 181 6.64 16.20 -4.40
C ASP A 181 6.38 14.73 -4.07
N TYR A 182 7.42 13.89 -4.18
CA TYR A 182 7.27 12.48 -3.87
C TYR A 182 6.93 12.23 -2.40
N ALA A 183 7.43 13.08 -1.50
CA ALA A 183 7.31 12.77 -0.07
C ALA A 183 5.87 12.79 0.42
N HIS A 184 5.02 13.63 -0.18
CA HIS A 184 3.60 13.59 0.15
C HIS A 184 2.76 12.81 -0.88
N MET A 185 3.30 12.47 -2.04
CA MET A 185 2.50 11.74 -3.03
C MET A 185 2.56 10.23 -2.84
N ARG A 186 3.65 9.74 -2.26
CA ARG A 186 3.92 8.30 -2.23
C ARG A 186 2.87 7.53 -1.42
N GLN A 187 2.37 8.13 -0.34
CA GLN A 187 1.29 7.48 0.40
C GLN A 187 0.09 7.22 -0.48
N HIS A 188 -0.13 8.06 -1.50
CA HIS A 188 -1.27 7.87 -2.38
C HIS A 188 -0.96 6.89 -3.51
N THR A 189 0.21 6.95 -4.12
CA THR A 189 0.50 5.92 -5.13
C THR A 189 0.53 4.54 -4.51
N ALA A 190 0.81 4.45 -3.20
CA ALA A 190 0.84 3.17 -2.51
C ALA A 190 -0.54 2.69 -2.10
N ALA A 191 -1.59 3.51 -2.27
CA ALA A 191 -2.97 3.15 -1.92
C ALA A 191 -3.13 2.86 -0.43
N GLY A 192 -2.42 3.61 0.41
CA GLY A 192 -2.50 3.42 1.84
C GLY A 192 -3.92 3.52 2.37
N ALA A 193 -4.55 4.68 2.17
CA ALA A 193 -5.90 4.92 2.68
C ALA A 193 -6.89 3.92 2.11
N ALA A 194 -6.79 3.61 0.82
CA ALA A 194 -7.71 2.65 0.20
C ALA A 194 -7.51 1.25 0.75
N THR A 195 -6.26 0.90 1.07
CA THR A 195 -5.97 -0.37 1.71
C THR A 195 -6.54 -0.44 3.12
N LEU A 196 -6.35 0.62 3.89
CA LEU A 196 -6.75 0.55 5.30
C LEU A 196 -8.22 0.85 5.52
N ALA A 197 -8.91 1.45 4.56
CA ALA A 197 -10.29 1.84 4.80
C ALA A 197 -11.18 0.62 5.06
N TRP A 198 -10.78 -0.56 4.59
CA TRP A 198 -11.55 -1.76 4.89
C TRP A 198 -11.48 -2.13 6.36
N ALA A 199 -10.49 -1.64 7.11
CA ALA A 199 -10.24 -2.16 8.45
C ALA A 199 -11.40 -1.83 9.40
N GLU A 200 -11.88 -0.58 9.40
CA GLU A 200 -12.97 -0.26 10.33
C GLU A 200 -14.26 -0.96 9.93
N ILE A 201 -14.41 -1.30 8.66
CA ILE A 201 -15.54 -2.11 8.24
C ILE A 201 -15.43 -3.51 8.83
N VAL A 202 -14.24 -4.10 8.72
CA VAL A 202 -14.00 -5.39 9.37
C VAL A 202 -14.26 -5.29 10.87
N ASP A 203 -13.81 -4.20 11.50
CA ASP A 203 -13.99 -4.01 12.93
C ASP A 203 -15.46 -3.87 13.30
N GLY A 204 -16.26 -3.30 12.40
CA GLY A 204 -17.69 -3.20 12.60
C GLY A 204 -18.17 -1.96 13.31
N ALA A 205 -17.32 -0.93 13.46
CA ALA A 205 -17.75 0.29 14.10
C ALA A 205 -17.16 1.48 13.35
N GLU A 206 -17.99 2.50 13.13
CA GLU A 206 -17.58 3.70 12.40
C GLU A 206 -16.60 4.52 13.23
N ILE A 207 -15.49 4.88 12.63
CA ILE A 207 -14.64 5.87 13.30
C ILE A 207 -15.30 7.23 13.16
N PRO A 208 -15.49 7.98 14.25
CA PRO A 208 -16.14 9.28 14.13
C PRO A 208 -15.36 10.20 13.21
N ASP A 209 -16.06 10.77 12.23
CA ASP A 209 -15.44 11.69 11.26
C ASP A 209 -14.68 12.80 11.97
N ARG A 210 -15.20 13.29 13.06
CA ARG A 210 -14.55 14.33 13.79
C ARG A 210 -13.17 13.93 14.26
N GLU A 211 -12.99 12.68 14.63
CA GLU A 211 -11.66 12.19 15.01
C GLU A 211 -10.79 11.93 13.78
N LEU A 212 -11.34 11.17 12.84
CA LEU A 212 -10.62 10.84 11.61
C LEU A 212 -10.17 12.08 10.83
N SER A 213 -10.80 13.23 11.09
CA SER A 213 -10.43 14.45 10.37
C SER A 213 -9.55 15.38 11.18
N SER A 214 -9.35 15.10 12.46
CA SER A 214 -8.54 15.98 13.30
C SER A 214 -7.11 16.03 12.77
N PRO A 215 -6.44 17.19 12.90
CA PRO A 215 -5.07 17.30 12.35
C PRO A 215 -4.13 16.25 12.92
N GLU A 216 -4.24 15.94 14.21
CA GLU A 216 -3.36 14.95 14.83
C GLU A 216 -3.56 13.58 14.24
N VAL A 217 -4.82 13.20 13.98
CA VAL A 217 -5.06 11.88 13.37
C VAL A 217 -4.68 11.88 11.90
N ARG A 218 -4.92 12.99 11.20
CA ARG A 218 -4.45 13.09 9.82
C ARG A 218 -2.94 12.94 9.73
N ALA A 219 -2.20 13.58 10.64
CA ALA A 219 -0.75 13.38 10.69
C ALA A 219 -0.42 11.90 10.94
N LEU A 220 -1.04 11.31 11.96
CA LEU A 220 -0.85 9.89 12.23
C LEU A 220 -1.12 9.04 11.00
N THR A 221 -2.25 9.30 10.33
CA THR A 221 -2.61 8.54 9.12
C THR A 221 -1.53 8.66 8.05
N GLU A 222 -1.09 9.90 7.77
CA GLU A 222 -0.13 10.10 6.68
C GLU A 222 1.26 9.61 7.07
N LEU A 223 1.60 9.71 8.35
CA LEU A 223 2.86 9.13 8.84
C LEU A 223 2.88 7.62 8.61
N ALA A 224 1.80 6.92 8.99
CA ALA A 224 1.79 5.47 8.84
C ALA A 224 1.84 5.07 7.37
N PHE A 225 1.05 5.70 6.52
CA PHE A 225 1.02 5.30 5.11
C PHE A 225 2.30 5.74 4.38
N THR A 226 2.85 6.91 4.72
CA THR A 226 4.11 7.28 4.09
C THR A 226 5.23 6.32 4.49
N THR A 227 5.32 6.03 5.80
CA THR A 227 6.33 5.09 6.29
C THR A 227 6.21 3.74 5.59
N ALA A 228 4.99 3.18 5.55
CA ALA A 228 4.81 1.88 4.93
C ALA A 228 5.23 1.91 3.46
N ALA A 229 4.91 3.01 2.76
CA ALA A 229 5.23 3.09 1.34
C ALA A 229 6.73 3.31 1.13
N PHE A 230 7.38 4.12 1.96
CA PHE A 230 8.84 4.20 1.88
C PHE A 230 9.48 2.83 2.16
N ASP A 231 8.94 2.07 3.11
CA ASP A 231 9.46 0.72 3.35
C ASP A 231 9.25 -0.17 2.14
N ASP A 232 8.08 -0.02 1.51
CA ASP A 232 7.76 -0.79 0.31
C ASP A 232 8.80 -0.49 -0.76
N ASP A 233 9.24 0.76 -0.80
CA ASP A 233 10.25 1.19 -1.77
C ASP A 233 11.56 0.48 -1.43
N LEU A 234 11.84 0.36 -0.14
CA LEU A 234 13.06 -0.31 0.32
C LEU A 234 13.03 -1.80 -0.04
N PHE A 235 12.02 -2.54 0.43
CA PHE A 235 12.04 -3.98 0.20
C PHE A 235 11.69 -4.37 -1.24
N SER A 236 11.29 -3.43 -2.08
CA SER A 236 11.11 -3.69 -3.51
C SER A 236 12.22 -3.08 -4.36
N TYR A 237 13.22 -2.46 -3.72
CA TYR A 237 14.30 -1.85 -4.48
C TYR A 237 15.03 -2.87 -5.34
N GLY A 238 15.32 -4.05 -4.78
CA GLY A 238 15.98 -5.09 -5.56
C GLY A 238 15.23 -5.41 -6.84
N LYS A 239 13.92 -5.58 -6.76
CA LYS A 239 13.12 -5.87 -7.89
C LYS A 239 13.26 -4.78 -8.92
N GLU A 240 13.31 -3.53 -8.44
CA GLU A 240 13.46 -2.38 -9.33
C GLU A 240 14.83 -2.44 -10.02
N LEU A 241 15.81 -2.98 -9.31
CA LEU A 241 17.16 -3.12 -9.85
C LEU A 241 17.20 -4.27 -10.84
N TRP A 242 16.43 -5.32 -10.55
CA TRP A 242 16.36 -6.49 -11.42
C TRP A 242 15.66 -6.12 -12.72
N VAL A 243 14.50 -5.49 -12.60
CA VAL A 243 13.75 -5.08 -13.73
C VAL A 243 14.57 -4.19 -14.63
N ALA A 244 15.25 -3.23 -14.05
CA ALA A 244 16.12 -2.33 -14.78
C ALA A 244 17.28 -3.06 -15.44
N ARG A 245 17.90 -4.02 -14.74
CA ARG A 245 18.97 -4.80 -15.35
C ARG A 245 18.44 -5.66 -16.49
N ALA A 246 17.24 -6.21 -16.34
CA ALA A 246 16.68 -7.06 -17.39
C ALA A 246 16.30 -6.26 -18.62
N GLU A 247 15.70 -5.08 -18.43
CA GLU A 247 15.25 -4.25 -19.53
C GLU A 247 16.33 -3.33 -20.04
N GLY A 248 17.54 -3.40 -19.50
CA GLY A 248 18.63 -2.57 -19.97
C GLY A 248 18.40 -1.08 -19.83
N THR A 249 17.63 -0.67 -18.84
CA THR A 249 17.37 0.75 -18.57
C THR A 249 17.83 1.10 -17.17
N ALA A 250 17.91 2.40 -16.90
CA ALA A 250 18.16 2.87 -15.55
C ALA A 250 16.95 2.56 -14.67
N PRO A 251 17.16 2.40 -13.36
CA PRO A 251 16.02 2.16 -12.47
C PRO A 251 15.03 3.31 -12.54
N SER A 252 13.77 3.00 -12.25
CA SER A 252 12.73 4.03 -12.22
C SER A 252 13.04 5.08 -11.16
N GLY A 253 12.73 6.34 -11.51
CA GLY A 253 12.80 7.43 -10.55
C GLY A 253 11.70 7.41 -9.51
N LEU A 254 10.69 6.54 -9.68
CA LEU A 254 9.57 6.44 -8.75
C LEU A 254 9.98 5.49 -7.63
N GLY A 255 10.70 6.06 -6.65
CA GLY A 255 11.26 5.29 -5.56
C GLY A 255 12.13 6.18 -4.71
N LEU A 256 11.97 6.08 -3.39
CA LEU A 256 12.70 6.96 -2.47
C LEU A 256 14.21 6.85 -2.64
N VAL A 257 14.72 5.64 -2.90
CA VAL A 257 16.17 5.45 -3.00
C VAL A 257 16.73 6.23 -4.19
N GLU A 258 16.18 5.99 -5.38
CA GLU A 258 16.63 6.71 -6.58
C GLU A 258 16.42 8.23 -6.46
N ILE A 259 15.39 8.67 -5.74
CA ILE A 259 15.16 10.11 -5.61
C ILE A 259 16.26 10.76 -4.77
N LEU A 260 16.61 10.14 -3.65
CA LEU A 260 17.69 10.67 -2.83
C LEU A 260 19.03 10.56 -3.54
N ARG A 261 19.22 9.50 -4.33
CA ARG A 261 20.42 9.39 -5.18
C ARG A 261 20.54 10.59 -6.10
N ARG A 262 19.49 10.93 -6.80
CA ARG A 262 19.54 11.99 -7.74
C ARG A 262 19.59 13.35 -7.08
N GLU A 263 18.90 13.46 -5.97
CA GLU A 263 18.86 14.68 -5.23
C GLU A 263 20.15 15.05 -4.53
N ASN A 264 20.87 14.08 -4.04
CA ASN A 264 22.12 14.30 -3.33
C ASN A 264 23.34 13.91 -4.15
N ARG A 265 23.13 13.54 -5.42
CA ARG A 265 24.21 13.11 -6.31
C ARG A 265 25.14 12.12 -5.62
N CYS A 266 24.56 11.20 -4.87
CA CYS A 266 25.33 10.24 -4.11
C CYS A 266 25.27 8.87 -4.79
N GLY A 267 26.00 7.93 -4.21
CA GLY A 267 25.92 6.55 -4.63
C GLY A 267 24.76 5.82 -3.98
N ARG A 268 24.53 4.63 -4.47
CA ARG A 268 23.50 3.76 -4.02
C ARG A 268 23.46 3.50 -2.47
N PRO A 269 24.56 3.07 -1.86
CA PRO A 269 24.57 2.85 -0.43
C PRO A 269 24.28 4.08 0.39
N GLU A 270 24.74 5.24 -0.03
CA GLU A 270 24.46 6.44 0.70
C GLU A 270 22.96 6.75 0.63
N ALA A 271 22.38 6.53 -0.55
CA ALA A 271 20.95 6.75 -0.73
C ALA A 271 20.13 5.80 0.12
N LEU A 272 20.58 4.56 0.27
CA LEU A 272 19.85 3.61 1.10
C LEU A 272 19.90 4.00 2.57
N ARG A 273 21.04 4.52 3.02
CA ARG A 273 21.15 5.00 4.39
C ARG A 273 20.28 6.23 4.60
N ALA A 274 20.28 7.16 3.65
CA ALA A 274 19.42 8.34 3.80
C ALA A 274 17.93 7.95 3.81
N ALA A 275 17.54 7.01 2.95
CA ALA A 275 16.15 6.57 2.90
C ALA A 275 15.72 5.93 4.21
N VAL A 276 16.58 5.10 4.80
CA VAL A 276 16.22 4.44 6.04
C VAL A 276 16.24 5.43 7.20
N CYS A 277 17.16 6.39 7.18
CA CYS A 277 17.18 7.45 8.18
C CYS A 277 15.85 8.18 8.21
N LEU A 278 15.36 8.56 7.04
CA LEU A 278 14.05 9.20 6.95
C LEU A 278 12.95 8.29 7.50
N CYS A 279 12.97 7.01 7.12
CA CYS A 279 11.95 6.09 7.59
C CYS A 279 11.96 6.00 9.10
N ASN A 280 13.15 5.97 9.70
CA ASN A 280 13.27 5.93 11.14
C ASN A 280 12.68 7.18 11.76
N ARG A 281 12.83 8.34 11.11
CA ARG A 281 12.31 9.57 11.71
C ARG A 281 10.80 9.63 11.61
N LEU A 282 10.24 9.20 10.49
CA LEU A 282 8.78 9.11 10.37
C LEU A 282 8.22 8.13 11.40
N THR A 283 8.86 6.97 11.56
CA THR A 283 8.34 5.95 12.45
C THR A 283 8.36 6.45 13.89
N HIS A 284 9.46 7.06 14.30
CA HIS A 284 9.53 7.63 15.63
C HIS A 284 8.48 8.71 15.82
N ARG A 285 8.30 9.58 14.82
CA ARG A 285 7.27 10.60 14.94
C ARG A 285 5.89 9.96 15.06
N PHE A 286 5.65 8.88 14.30
CA PHE A 286 4.34 8.24 14.37
C PHE A 286 4.09 7.69 15.77
N ILE A 287 5.09 7.04 16.35
CA ILE A 287 4.94 6.49 17.69
C ILE A 287 4.72 7.60 18.72
N ALA A 288 5.58 8.63 18.69
CA ALA A 288 5.43 9.73 19.64
C ALA A 288 4.04 10.37 19.54
N LEU A 289 3.53 10.54 18.31
CA LEU A 289 2.25 11.22 18.14
C LEU A 289 1.09 10.33 18.52
N ARG A 290 1.31 9.02 18.45
CA ARG A 290 0.31 8.05 18.86
C ARG A 290 0.12 8.13 20.38
N GLU A 291 1.21 8.35 21.11
CA GLU A 291 1.15 8.46 22.56
C GLU A 291 0.24 9.59 23.00
N ARG A 292 0.32 10.73 22.31
CA ARG A 292 -0.49 11.89 22.71
C ARG A 292 -1.94 11.75 22.30
N VAL A 293 -2.24 10.95 21.30
CA VAL A 293 -3.57 10.77 20.81
C VAL A 293 -4.38 9.70 21.52
N LEU A 294 -3.73 8.61 21.92
CA LEU A 294 -4.41 7.49 22.59
C LEU A 294 -5.37 7.76 23.76
N PRO A 295 -4.99 8.64 24.70
CA PRO A 295 -5.78 8.92 25.89
C PRO A 295 -7.19 9.35 25.66
N ASP A 296 -7.40 10.18 24.69
CA ASP A 296 -8.73 10.60 24.41
C ASP A 296 -9.35 9.91 23.21
N ALA A 297 -8.85 8.77 22.83
CA ALA A 297 -9.28 8.13 21.65
C ALA A 297 -10.49 7.28 21.95
N SER A 298 -11.50 7.50 21.16
CA SER A 298 -12.63 6.58 21.13
C SER A 298 -12.14 5.16 20.85
N ALA A 299 -12.99 4.18 21.11
CA ALA A 299 -12.58 2.80 20.83
C ALA A 299 -12.35 2.53 19.36
N PRO A 300 -13.20 2.97 18.42
CA PRO A 300 -12.85 2.77 17.00
C PRO A 300 -11.55 3.43 16.59
N LEU A 301 -11.24 4.63 17.10
CA LEU A 301 -9.99 5.27 16.73
C LEU A 301 -8.79 4.49 17.28
N ARG A 302 -8.94 4.00 18.51
CA ARG A 302 -7.89 3.22 19.14
C ARG A 302 -7.60 2.02 18.25
N ALA A 303 -8.66 1.32 17.84
CA ALA A 303 -8.51 0.17 16.96
C ALA A 303 -7.80 0.57 15.68
N TYR A 304 -8.15 1.73 15.13
CA TYR A 304 -7.50 2.21 13.91
C TYR A 304 -6.00 2.38 14.13
N LEU A 305 -5.63 3.08 15.20
CA LEU A 305 -4.22 3.21 15.55
C LEU A 305 -3.59 1.85 15.84
N ASP A 306 -4.38 0.90 16.34
CA ASP A 306 -3.82 -0.44 16.54
C ASP A 306 -3.45 -1.07 15.21
N HIS A 307 -4.31 -0.91 14.19
CA HIS A 307 -4.01 -1.43 12.85
C HIS A 307 -2.84 -0.70 12.20
N LEU A 308 -2.77 0.63 12.35
CA LEU A 308 -1.60 1.33 11.83
C LEU A 308 -0.32 0.83 12.50
N CYS A 309 -0.39 0.53 13.80
CA CYS A 309 0.77 0.03 14.53
C CYS A 309 1.16 -1.38 14.08
N HIS A 310 0.18 -2.20 13.66
CA HIS A 310 0.56 -3.51 13.12
C HIS A 310 1.01 -3.39 11.69
N LEU A 311 0.53 -2.36 10.98
CA LEU A 311 0.90 -2.18 9.59
C LEU A 311 2.41 -1.93 9.45
N LEU A 312 2.98 -1.07 10.30
CA LEU A 312 4.38 -0.70 10.10
C LEU A 312 5.30 -1.92 10.16
N PRO A 313 5.38 -2.67 11.26
CA PRO A 313 6.25 -3.86 11.23
C PRO A 313 5.67 -4.99 10.39
N GLY A 314 4.34 -5.06 10.25
CA GLY A 314 3.76 -6.13 9.47
C GLY A 314 4.09 -5.99 7.99
N ASN A 315 4.12 -4.74 7.49
CA ASN A 315 4.47 -4.47 6.10
C ASN A 315 5.91 -4.85 5.83
N LEU A 316 6.80 -4.46 6.72
CA LEU A 316 8.15 -4.84 6.64
C LEU A 316 8.37 -6.37 6.53
N GLU A 317 7.75 -7.11 7.42
CA GLU A 317 7.96 -8.56 7.44
C GLU A 317 7.35 -9.21 6.20
N TRP A 318 6.16 -8.77 5.80
CA TRP A 318 5.57 -9.25 4.55
C TRP A 318 6.48 -8.94 3.36
N GLY A 319 6.96 -7.69 3.24
CA GLY A 319 7.71 -7.31 2.06
C GLY A 319 9.06 -8.00 1.97
N LEU A 320 9.68 -8.27 3.12
CA LEU A 320 10.96 -8.95 3.09
C LEU A 320 10.82 -10.44 2.80
N THR A 321 9.66 -11.04 3.12
CA THR A 321 9.50 -12.47 2.99
C THR A 321 8.64 -12.89 1.81
N ALA A 322 7.80 -12.00 1.27
CA ALA A 322 6.91 -12.37 0.18
C ALA A 322 7.68 -12.60 -1.11
N ASP A 323 7.25 -13.57 -1.88
CA ASP A 323 7.88 -13.90 -3.09
C ASP A 323 7.66 -12.85 -4.18
N ARG A 324 6.73 -11.94 -3.97
CA ARG A 324 6.50 -10.86 -4.89
C ARG A 324 7.77 -10.06 -5.18
N TYR A 325 8.64 -9.95 -4.19
CA TYR A 325 9.85 -9.13 -4.30
C TYR A 325 11.13 -9.95 -4.25
N ARG A 326 11.02 -11.27 -4.30
CA ARG A 326 12.19 -12.16 -4.33
C ARG A 326 12.27 -12.93 -5.64
N ASN A 327 11.14 -13.55 -5.99
CA ASN A 327 11.01 -14.30 -7.21
C ASN A 327 9.93 -13.55 -7.97
N PRO A 328 10.31 -12.42 -8.56
CA PRO A 328 9.32 -11.60 -9.26
C PRO A 328 8.59 -12.19 -10.47
N ASP A 329 9.24 -12.59 -11.54
CA ASP A 329 8.49 -13.15 -12.66
C ASP A 329 7.78 -14.45 -12.33
N GLY A 330 8.06 -15.05 -11.18
CA GLY A 330 7.43 -16.30 -10.83
C GLY A 330 8.16 -17.53 -11.33
N ARG A 331 9.41 -17.37 -11.76
CA ARG A 331 10.17 -18.51 -12.28
C ARG A 331 11.63 -18.50 -11.85
N THR A 332 11.95 -17.79 -10.78
CA THR A 332 13.34 -17.72 -10.32
C THR A 332 13.38 -17.59 -8.81
N PRO A 333 13.40 -18.72 -8.10
CA PRO A 333 13.43 -18.65 -6.63
C PRO A 333 14.72 -18.04 -6.10
N GLY A 334 14.61 -16.84 -5.53
CA GLY A 334 15.75 -16.15 -4.98
C GLY A 334 16.56 -15.31 -5.96
N ALA A 335 15.95 -14.88 -7.08
CA ALA A 335 16.62 -13.94 -7.98
C ALA A 335 17.04 -12.67 -7.24
N VAL A 336 16.14 -12.12 -6.42
CA VAL A 336 16.41 -10.97 -5.58
C VAL A 336 16.35 -11.45 -4.15
N THR A 337 17.34 -11.08 -3.35
CA THR A 337 17.29 -11.31 -1.92
C THR A 337 17.54 -10.00 -1.21
N THR A 338 16.78 -9.75 -0.14
CA THR A 338 16.83 -8.47 0.55
C THR A 338 16.96 -8.72 2.03
N THR A 339 18.00 -8.13 2.62
CA THR A 339 18.24 -8.25 4.05
C THR A 339 17.78 -6.99 4.77
N ALA A 340 17.60 -7.10 6.08
CA ALA A 340 17.16 -5.96 6.88
C ALA A 340 17.63 -6.15 8.32
N SER A 341 17.87 -5.03 8.99
CA SER A 341 18.18 -5.03 10.42
C SER A 341 17.12 -4.24 11.17
N ARG A 342 17.15 -4.37 12.50
CA ARG A 342 16.30 -3.58 13.39
C ARG A 342 17.22 -2.72 14.26
N ASP A 343 17.15 -1.41 14.07
CA ASP A 343 17.94 -0.49 14.88
C ASP A 343 17.14 -0.26 16.16
N THR A 344 17.67 -0.72 17.29
CA THR A 344 16.97 -0.60 18.56
C THR A 344 17.04 0.81 19.15
N ASP A 345 17.96 1.66 18.66
CA ASP A 345 18.01 3.05 19.14
C ASP A 345 17.09 3.95 18.33
N PRO A 346 16.35 4.84 18.98
CA PRO A 346 15.54 5.81 18.24
C PRO A 346 16.43 6.78 17.49
N PRO A 347 15.90 7.52 16.52
CA PRO A 347 16.74 8.48 15.81
C PRO A 347 17.16 9.59 16.77
N ALA A 348 18.43 9.97 16.70
CA ALA A 348 18.91 11.08 17.53
C ALA A 348 18.22 12.38 17.19
N ASP A 349 17.86 12.59 15.92
CA ASP A 349 17.21 13.81 15.46
C ASP A 349 15.70 13.62 15.38
N THR A 350 14.96 14.20 16.33
CA THR A 350 13.50 14.10 16.32
C THR A 350 12.82 15.30 15.67
N SER A 351 13.58 16.24 15.14
CA SER A 351 13.02 17.45 14.55
C SER A 351 12.47 17.16 13.16
N PRO A 352 11.69 18.07 12.59
CA PRO A 352 11.09 17.84 11.25
C PRO A 352 12.15 17.80 10.16
N PRO A 353 12.01 16.93 9.17
CA PRO A 353 12.90 16.96 8.01
C PRO A 353 12.66 18.21 7.19
N ALA A 354 13.60 18.52 6.31
CA ALA A 354 13.47 19.67 5.43
C ALA A 354 12.64 19.32 4.20
N ILE A 355 11.41 18.87 4.44
CA ILE A 355 10.47 18.51 3.39
C ILE A 355 9.11 19.07 3.72
N PRO A 356 8.85 20.29 3.29
CA PRO A 356 7.71 21.16 3.51
C PRO A 356 6.34 20.58 3.25
N SER A 357 6.21 19.75 2.26
CA SER A 357 4.99 19.15 1.91
C SER A 357 4.50 18.22 3.01
N ILE A 358 5.37 17.82 3.91
CA ILE A 358 5.03 16.92 5.01
C ILE A 358 5.42 17.47 6.38
N ALA A 359 5.96 18.69 6.45
CA ALA A 359 6.52 19.16 7.73
C ALA A 359 5.46 19.30 8.80
N TRP A 360 4.24 19.66 8.41
CA TRP A 360 3.17 19.82 9.39
C TRP A 360 2.89 18.56 10.20
N TRP A 361 3.38 17.38 9.79
CA TRP A 361 3.24 16.19 10.62
C TRP A 361 3.93 16.37 11.98
N TRP A 362 4.93 17.24 12.07
CA TRP A 362 5.63 17.54 13.31
C TRP A 362 5.03 18.73 14.06
N ASP A 363 3.92 19.31 13.58
CA ASP A 363 3.29 20.51 14.19
C ASP A 363 3.17 20.46 15.72
#